data_3HE0
#
_entry.id   3HE0
#
_cell.length_a   70.272
_cell.length_b   95.548
_cell.length_c   190.541
_cell.angle_alpha   90.000
_cell.angle_beta   90.000
_cell.angle_gamma   90.000
#
_symmetry.space_group_name_H-M   'C 2 2 21'
#
loop_
_entity.id
_entity.type
_entity.pdbx_description
1 polymer 'Transcriptional regulator, TetR family'
2 non-polymer 'SULFATE ION'
3 non-polymer GLYCEROL
4 non-polymer 'CHLORIDE ION'
5 water water
#
_entity_poly.entity_id   1
_entity_poly.type   'polypeptide(L)'
_entity_poly.pdbx_seq_one_letter_code
;SNA(MSE)TDNPAVDKRDQILAAAEQLIAESGFQGLS(MSE)QKLANEAGVAAGTIYRYFSDKEHLLEEVRLNVAKRIAS
AVQAGVNDD(MSE)PLKERYRT(MSE)WLNIWNLAGSNLNAISNRVQYDSLPCTTRNKTWELERK(MSE)FAQVDRLFNQ
GKEEGVFKPLDNEVLSGLSFEASVALARKHALGFYQLDDDALEAAIEASWDAIIKH
;
_entity_poly.pdbx_strand_id   A,B,C
#
loop_
_chem_comp.id
_chem_comp.type
_chem_comp.name
_chem_comp.formula
CL non-polymer 'CHLORIDE ION' 'Cl -1'
GOL non-polymer GLYCEROL 'C3 H8 O3'
SO4 non-polymer 'SULFATE ION' 'O4 S -2'
#
# COMPACT_ATOMS: atom_id res chain seq x y z
N ASP A 11 -4.93 19.34 31.18
CA ASP A 11 -5.09 18.34 30.09
C ASP A 11 -3.88 17.39 29.98
N LYS A 12 -4.11 16.11 30.26
CA LYS A 12 -3.02 15.14 30.40
C LYS A 12 -2.81 14.34 29.14
N ARG A 13 -3.46 14.74 28.06
CA ARG A 13 -3.51 13.92 26.87
C ARG A 13 -2.11 13.66 26.29
N ASP A 14 -1.36 14.74 26.10
CA ASP A 14 0.00 14.66 25.57
C ASP A 14 0.92 13.84 26.47
N GLN A 15 0.84 14.07 27.78
CA GLN A 15 1.61 13.30 28.75
C GLN A 15 1.35 11.78 28.59
N ILE A 16 0.09 11.44 28.41
CA ILE A 16 -0.30 10.05 28.26
C ILE A 16 0.19 9.51 26.93
N LEU A 17 0.08 10.33 25.88
CA LEU A 17 0.57 9.92 24.56
C LEU A 17 2.09 9.75 24.58
N ALA A 18 2.76 10.64 25.29
CA ALA A 18 4.22 10.56 25.46
C ALA A 18 4.59 9.27 26.17
N ALA A 19 3.93 8.96 27.29
CA ALA A 19 4.20 7.69 28.01
C ALA A 19 3.92 6.50 27.10
N ALA A 20 2.79 6.56 26.39
CA ALA A 20 2.36 5.47 25.54
C ALA A 20 3.38 5.23 24.47
N GLU A 21 3.77 6.29 23.78
CA GLU A 21 4.78 6.21 22.72
C GLU A 21 6.10 5.66 23.22
N GLN A 22 6.52 6.07 24.41
CA GLN A 22 7.75 5.51 25.01
C GLN A 22 7.64 3.99 25.19
N LEU A 23 6.52 3.54 25.75
CA LEU A 23 6.29 2.12 26.00
C LEU A 23 6.20 1.32 24.69
N ILE A 24 5.54 1.89 23.69
CA ILE A 24 5.44 1.26 22.37
C ILE A 24 6.80 1.23 21.68
N ALA A 25 7.54 2.35 21.71
CA ALA A 25 8.91 2.34 21.18
C ALA A 25 9.65 1.20 21.84
N GLU A 26 9.53 1.10 23.16
CA GLU A 26 10.30 0.11 23.91
C GLU A 26 9.92 -1.30 23.54
N SER A 27 8.64 -1.61 23.70
CA SER A 27 8.16 -2.99 23.66
C SER A 27 6.87 -3.19 22.84
N GLY A 28 6.64 -2.30 21.86
CA GLY A 28 5.59 -2.48 20.85
C GLY A 28 4.11 -2.29 21.21
N PHE A 29 3.28 -2.20 20.15
CA PHE A 29 1.82 -2.00 20.24
C PHE A 29 1.08 -3.05 21.08
N GLN A 30 1.25 -4.33 20.75
CA GLN A 30 0.51 -5.43 21.44
C GLN A 30 0.84 -5.56 22.94
N GLY A 31 2.06 -5.15 23.30
CA GLY A 31 2.52 -5.25 24.67
C GLY A 31 1.85 -4.29 25.63
N LEU A 32 1.27 -3.20 25.09
CA LEU A 32 0.86 -2.09 25.92
C LEU A 32 -0.21 -2.46 26.94
N SER A 33 0.07 -2.07 28.18
CA SER A 33 -0.83 -2.26 29.32
C SER A 33 -1.38 -0.92 29.77
N MSE A 34 -2.69 -0.83 29.94
CA MSE A 34 -3.26 0.42 30.44
C MSE A 34 -2.72 0.77 31.82
O MSE A 34 -2.58 1.95 32.18
CB MSE A 34 -4.78 0.35 30.43
CG MSE A 34 -5.41 0.25 29.03
SE MSE A 34 -4.94 1.69 27.77
CE MSE A 34 -6.64 2.65 27.57
N GLN A 35 -2.38 -0.25 32.61
CA GLN A 35 -1.88 -0.05 33.97
C GLN A 35 -0.47 0.55 34.01
N LYS A 36 0.45 -0.05 33.24
CA LYS A 36 1.83 0.46 33.20
C LYS A 36 1.81 1.84 32.56
N LEU A 37 0.91 2.03 31.60
CA LEU A 37 0.76 3.33 30.95
C LEU A 37 0.46 4.35 32.03
N ALA A 38 -0.52 4.05 32.86
CA ALA A 38 -0.95 5.00 33.88
C ALA A 38 0.21 5.26 34.86
N ASN A 39 0.89 4.17 35.23
CA ASN A 39 2.09 4.24 36.07
C ASN A 39 3.18 5.13 35.46
N GLU A 40 3.50 4.88 34.20
CA GLU A 40 4.53 5.65 33.50
C GLU A 40 4.13 7.07 33.14
N ALA A 41 2.85 7.30 32.92
CA ALA A 41 2.39 8.64 32.64
C ALA A 41 2.20 9.40 33.94
N GLY A 42 2.17 8.68 35.06
CA GLY A 42 1.98 9.30 36.34
C GLY A 42 0.54 9.77 36.50
N VAL A 43 -0.43 8.95 36.09
CA VAL A 43 -1.83 9.30 36.29
C VAL A 43 -2.57 8.09 36.78
N ALA A 44 -3.70 8.30 37.44
CA ALA A 44 -4.60 7.17 37.77
C ALA A 44 -5.11 6.51 36.49
N ALA A 45 -5.40 5.19 36.55
CA ALA A 45 -6.02 4.49 35.39
C ALA A 45 -7.25 5.21 34.92
N GLY A 46 -8.06 5.69 35.85
CA GLY A 46 -9.30 6.36 35.48
C GLY A 46 -9.07 7.59 34.63
N THR A 47 -7.97 8.30 34.87
CA THR A 47 -7.61 9.44 34.04
C THR A 47 -7.45 9.06 32.56
N ILE A 48 -6.93 7.88 32.27
CA ILE A 48 -6.73 7.50 30.89
C ILE A 48 -8.06 7.41 30.14
N TYR A 49 -9.07 6.92 30.82
CA TYR A 49 -10.39 6.77 30.23
C TYR A 49 -11.18 8.06 30.08
N ARG A 50 -10.68 9.16 30.63
CA ARG A 50 -11.26 10.46 30.39
C ARG A 50 -10.80 11.07 29.07
N TYR A 51 -9.84 10.40 28.45
CA TYR A 51 -9.23 10.85 27.20
C TYR A 51 -9.34 9.84 26.10
N PHE A 52 -9.27 8.53 26.39
CA PHE A 52 -9.31 7.50 25.34
C PHE A 52 -10.35 6.48 25.73
N SER A 53 -11.21 6.06 24.80
CA SER A 53 -12.26 5.12 25.16
C SER A 53 -11.73 3.74 25.51
N ASP A 54 -10.65 3.30 24.88
CA ASP A 54 -10.11 1.98 25.09
C ASP A 54 -8.72 1.89 24.45
N LYS A 55 -8.07 0.74 24.62
CA LYS A 55 -6.69 0.56 24.18
C LYS A 55 -6.59 0.84 22.71
N GLU A 56 -7.55 0.34 21.95
CA GLU A 56 -7.52 0.42 20.50
C GLU A 56 -7.59 1.86 20.03
N HIS A 57 -8.43 2.67 20.67
CA HIS A 57 -8.48 4.09 20.31
C HIS A 57 -7.22 4.81 20.66
N LEU A 58 -6.68 4.50 21.81
CA LEU A 58 -5.35 5.03 22.20
C LEU A 58 -4.31 4.71 21.13
N LEU A 59 -4.25 3.47 20.65
CA LEU A 59 -3.25 3.09 19.64
C LEU A 59 -3.36 3.94 18.37
N GLU A 60 -4.59 4.18 17.92
CA GLU A 60 -4.80 4.98 16.72
C GLU A 60 -4.30 6.39 16.90
N GLU A 61 -4.50 6.92 18.11
CA GLU A 61 -4.10 8.28 18.41
C GLU A 61 -2.60 8.32 18.49
N VAL A 62 -2.00 7.25 18.96
CA VAL A 62 -0.54 7.15 18.94
C VAL A 62 -0.01 7.22 17.48
N ARG A 63 -0.55 6.39 16.61
CA ARG A 63 -0.10 6.41 15.19
C ARG A 63 -0.22 7.80 14.62
N LEU A 64 -1.35 8.47 14.88
CA LEU A 64 -1.56 9.78 14.25
C LEU A 64 -0.61 10.78 14.83
N ASN A 65 -0.35 10.67 16.13
CA ASN A 65 0.53 11.62 16.79
C ASN A 65 1.99 11.44 16.32
N VAL A 66 2.43 10.18 16.20
CA VAL A 66 3.77 9.88 15.66
C VAL A 66 3.95 10.41 14.20
N ALA A 67 2.98 10.15 13.36
CA ALA A 67 2.97 10.72 12.00
C ALA A 67 3.07 12.26 12.02
N LYS A 68 2.40 12.89 12.97
CA LYS A 68 2.41 14.36 12.97
C LYS A 68 3.80 14.87 13.36
N ARG A 69 4.43 14.19 14.30
CA ARG A 69 5.74 14.61 14.74
C ARG A 69 6.80 14.39 13.65
N ILE A 70 6.73 13.23 13.00
CA ILE A 70 7.61 12.92 11.89
C ILE A 70 7.46 14.03 10.83
N ALA A 71 6.22 14.36 10.47
CA ALA A 71 5.97 15.39 9.44
C ALA A 71 6.60 16.72 9.80
N SER A 72 6.46 17.15 11.05
CA SER A 72 7.13 18.39 11.43
C SER A 72 8.65 18.22 11.56
N ALA A 73 9.15 17.06 11.98
CA ALA A 73 10.58 16.89 11.99
C ALA A 73 11.13 16.95 10.51
N VAL A 74 10.51 16.19 9.63
CA VAL A 74 10.91 16.14 8.23
C VAL A 74 10.91 17.54 7.61
N GLN A 75 9.94 18.36 7.98
CA GLN A 75 9.79 19.66 7.34
C GLN A 75 10.44 20.82 8.09
N ALA A 76 11.21 20.52 9.14
CA ALA A 76 11.76 21.56 10.00
C ALA A 76 12.79 22.37 9.24
N GLY A 77 12.69 23.69 9.33
CA GLY A 77 13.59 24.58 8.65
C GLY A 77 13.34 24.77 7.18
N VAL A 78 12.32 24.14 6.62
CA VAL A 78 12.04 24.34 5.20
C VAL A 78 11.23 25.61 5.05
N ASN A 79 11.59 26.48 4.12
CA ASN A 79 10.60 27.43 3.63
C ASN A 79 10.54 27.43 2.12
N ASP A 80 9.34 27.69 1.62
CA ASP A 80 9.06 27.54 0.20
C ASP A 80 9.74 28.63 -0.63
N ASP A 81 10.35 29.62 0.02
CA ASP A 81 11.24 30.57 -0.65
C ASP A 81 12.57 29.97 -1.11
N MSE A 82 13.10 28.98 -0.39
CA MSE A 82 14.37 28.33 -0.76
C MSE A 82 14.26 27.78 -2.19
O MSE A 82 13.17 27.50 -2.68
CB MSE A 82 14.71 27.16 0.19
CG MSE A 82 14.99 27.50 1.68
SE MSE A 82 15.31 25.86 2.85
CE MSE A 82 15.58 26.80 4.58
N PRO A 83 15.42 27.62 -2.88
CA PRO A 83 15.42 26.86 -4.12
C PRO A 83 15.05 25.39 -3.90
N LEU A 84 14.60 24.73 -4.97
CA LEU A 84 14.08 23.37 -4.88
C LEU A 84 15.09 22.46 -4.21
N LYS A 85 16.31 22.44 -4.76
CA LYS A 85 17.33 21.49 -4.31
C LYS A 85 17.71 21.67 -2.84
N GLU A 86 17.58 22.88 -2.33
CA GLU A 86 17.93 23.17 -0.96
C GLU A 86 16.84 22.71 -0.05
N ARG A 87 15.59 22.93 -0.46
CA ARG A 87 14.47 22.33 0.28
C ARG A 87 14.64 20.80 0.31
N TYR A 88 15.00 20.22 -0.82
CA TYR A 88 15.21 18.78 -0.89
C TYR A 88 16.29 18.34 0.11
N ARG A 89 17.44 19.03 0.07
CA ARG A 89 18.56 18.68 0.93
C ARG A 89 18.19 18.80 2.39
N THR A 90 17.45 19.85 2.75
CA THR A 90 17.10 20.06 4.14
C THR A 90 16.29 18.87 4.67
N MSE A 91 15.21 18.53 3.96
CA MSE A 91 14.33 17.46 4.38
C MSE A 91 15.08 16.14 4.38
O MSE A 91 14.89 15.32 5.28
CB MSE A 91 13.12 17.37 3.45
CG MSE A 91 12.17 18.53 3.62
SE MSE A 91 10.73 18.48 2.31
CE MSE A 91 9.72 20.02 2.94
N TRP A 92 15.93 15.93 3.38
CA TRP A 92 16.70 14.68 3.29
C TRP A 92 17.53 14.52 4.55
N LEU A 93 18.19 15.60 4.97
CA LEU A 93 19.04 15.59 6.16
C LEU A 93 18.23 15.52 7.45
N ASN A 94 17.07 16.16 7.48
CA ASN A 94 16.17 15.94 8.62
C ASN A 94 15.80 14.45 8.72
N ILE A 95 15.57 13.81 7.60
CA ILE A 95 15.20 12.39 7.65
C ILE A 95 16.38 11.61 8.22
N TRP A 96 17.58 11.93 7.77
CA TRP A 96 18.78 11.22 8.20
C TRP A 96 18.94 11.33 9.72
N ASN A 97 18.70 12.53 10.22
CA ASN A 97 18.81 12.77 11.66
C ASN A 97 17.69 12.23 12.50
N LEU A 98 16.62 11.73 11.92
CA LEU A 98 15.61 11.03 12.72
C LEU A 98 16.04 9.61 13.07
N ALA A 99 17.05 9.08 12.38
CA ALA A 99 17.38 7.68 12.56
C ALA A 99 17.80 7.45 14.01
N GLY A 100 17.35 6.35 14.58
CA GLY A 100 17.62 6.00 15.98
C GLY A 100 16.70 6.68 16.99
N SER A 101 15.67 7.37 16.52
CA SER A 101 14.71 8.04 17.39
C SER A 101 13.55 7.10 17.75
N ASN A 102 12.80 7.48 18.78
CA ASN A 102 11.51 6.84 19.08
C ASN A 102 10.52 6.88 17.91
N LEU A 103 10.47 8.00 17.19
CA LEU A 103 9.51 8.17 16.08
C LEU A 103 9.75 7.06 15.06
N ASN A 104 11.00 6.90 14.67
CA ASN A 104 11.35 5.81 13.77
C ASN A 104 10.99 4.46 14.37
N ALA A 105 11.36 4.30 15.64
CA ALA A 105 11.15 3.02 16.32
C ALA A 105 9.66 2.59 16.26
N ILE A 106 8.78 3.54 16.56
CA ILE A 106 7.35 3.28 16.66
C ILE A 106 6.73 3.01 15.30
N SER A 107 7.07 3.85 14.33
CA SER A 107 6.43 3.79 13.04
C SER A 107 6.95 2.62 12.21
N ASN A 108 8.12 2.07 12.57
CA ASN A 108 8.58 0.83 11.94
C ASN A 108 7.75 -0.41 12.30
N ARG A 109 6.67 -0.24 13.03
CA ARG A 109 5.80 -1.34 13.39
C ARG A 109 4.41 -1.10 12.79
N VAL A 110 3.76 0.00 13.23
CA VAL A 110 2.35 0.31 12.93
C VAL A 110 1.50 -0.88 12.44
N LEU A 115 -4.10 -3.79 11.96
CA LEU A 115 -5.20 -2.86 11.71
C LEU A 115 -6.20 -3.47 10.72
N PRO A 116 -7.48 -3.03 10.78
CA PRO A 116 -8.37 -3.20 9.63
C PRO A 116 -8.09 -2.10 8.61
N CYS A 117 -8.83 -2.05 7.50
CA CYS A 117 -8.58 -1.02 6.47
C CYS A 117 -9.64 0.10 6.41
N THR A 118 -10.63 0.03 7.31
CA THR A 118 -11.43 1.20 7.64
C THR A 118 -10.48 2.14 8.39
N THR A 119 -9.79 1.60 9.39
CA THR A 119 -8.79 2.36 10.15
C THR A 119 -7.51 2.53 9.30
N ARG A 120 -7.06 1.47 8.61
CA ARG A 120 -5.81 1.50 7.81
C ARG A 120 -5.80 2.61 6.74
N ASN A 121 -6.92 2.76 6.03
CA ASN A 121 -7.04 3.82 5.04
C ASN A 121 -7.30 5.17 5.67
N LYS A 122 -8.08 5.19 6.76
CA LYS A 122 -8.27 6.43 7.51
C LYS A 122 -6.91 6.97 7.92
N THR A 123 -6.07 6.11 8.51
CA THR A 123 -4.77 6.55 9.04
C THR A 123 -3.91 7.04 7.89
N TRP A 124 -3.75 6.21 6.86
CA TRP A 124 -2.98 6.58 5.67
C TRP A 124 -3.41 7.94 5.15
N GLU A 125 -4.70 8.15 4.93
CA GLU A 125 -5.18 9.43 4.37
C GLU A 125 -4.92 10.63 5.28
N LEU A 126 -5.16 10.48 6.58
CA LEU A 126 -4.90 11.57 7.54
C LEU A 126 -3.40 11.91 7.60
N GLU A 127 -2.57 10.88 7.51
CA GLU A 127 -1.12 11.11 7.57
C GLU A 127 -0.56 11.85 6.33
N ARG A 128 -1.14 11.60 5.15
CA ARG A 128 -0.64 12.23 3.93
C ARG A 128 -0.79 13.75 4.02
N LYS A 129 -1.98 14.20 4.36
CA LYS A 129 -2.21 15.63 4.59
C LYS A 129 -1.13 16.36 5.40
N MSE A 130 -0.46 15.66 6.31
CA MSE A 130 0.58 16.27 7.15
C MSE A 130 1.89 16.64 6.43
O MSE A 130 2.68 17.38 6.97
CB MSE A 130 0.90 15.34 8.31
CG MSE A 130 -0.29 14.94 9.15
SE MSE A 130 0.08 13.51 10.44
CE MSE A 130 -1.74 13.20 11.11
N PHE A 131 2.13 16.12 5.23
CA PHE A 131 3.39 16.36 4.52
C PHE A 131 3.22 17.38 3.38
N ALA A 132 2.54 18.49 3.70
CA ALA A 132 2.17 19.47 2.68
C ALA A 132 3.37 20.10 1.97
N GLN A 133 4.44 20.35 2.71
CA GLN A 133 5.65 20.89 2.08
C GLN A 133 6.39 19.85 1.22
N VAL A 134 6.22 18.56 1.48
CA VAL A 134 6.88 17.55 0.60
C VAL A 134 6.15 17.56 -0.75
N ASP A 135 4.83 17.63 -0.69
CA ASP A 135 4.04 17.69 -1.91
C ASP A 135 4.32 18.94 -2.70
N ARG A 136 4.53 20.04 -2.00
CA ARG A 136 4.73 21.32 -2.68
C ARG A 136 6.07 21.30 -3.42
N LEU A 137 7.10 20.75 -2.77
CA LEU A 137 8.38 20.48 -3.43
C LEU A 137 8.19 19.69 -4.74
N PHE A 138 7.56 18.53 -4.65
CA PHE A 138 7.46 17.65 -5.82
C PHE A 138 6.55 18.30 -6.90
N ASN A 139 5.44 18.92 -6.48
CA ASN A 139 4.55 19.61 -7.43
C ASN A 139 5.27 20.72 -8.12
N GLN A 140 6.01 21.51 -7.36
CA GLN A 140 6.69 22.65 -7.94
C GLN A 140 7.78 22.19 -8.89
N GLY A 141 8.53 21.19 -8.47
CA GLY A 141 9.52 20.59 -9.32
C GLY A 141 8.98 20.09 -10.63
N LYS A 142 7.82 19.43 -10.58
CA LYS A 142 7.21 18.89 -11.80
C LYS A 142 6.71 20.05 -12.65
N GLU A 143 6.10 21.05 -12.02
CA GLU A 143 5.60 22.20 -12.74
C GLU A 143 6.75 22.89 -13.47
N GLU A 144 7.92 22.91 -12.84
CA GLU A 144 9.10 23.57 -13.39
C GLU A 144 9.86 22.72 -14.40
N GLY A 145 9.40 21.51 -14.66
CA GLY A 145 10.08 20.62 -15.61
C GLY A 145 11.37 20.03 -15.08
N VAL A 146 11.58 20.12 -13.76
CA VAL A 146 12.80 19.64 -13.13
C VAL A 146 12.69 18.17 -12.80
N PHE A 147 11.56 17.79 -12.21
CA PHE A 147 11.32 16.41 -11.78
C PHE A 147 10.60 15.56 -12.82
N LYS A 148 10.88 14.26 -12.80
CA LYS A 148 10.14 13.28 -13.58
C LYS A 148 8.63 13.33 -13.23
N PRO A 149 7.79 13.15 -14.26
CA PRO A 149 6.36 13.32 -14.08
C PRO A 149 5.69 12.11 -13.42
N LEU A 150 6.03 11.82 -12.18
CA LEU A 150 5.52 10.62 -11.55
C LEU A 150 4.69 11.09 -10.39
N ASP A 151 3.77 10.26 -9.92
CA ASP A 151 3.01 10.59 -8.71
C ASP A 151 3.98 10.91 -7.58
N ASN A 152 3.58 11.85 -6.70
CA ASN A 152 4.39 12.23 -5.56
C ASN A 152 4.73 11.05 -4.64
N GLU A 153 3.85 10.04 -4.59
CA GLU A 153 4.13 8.82 -3.83
C GLU A 153 5.31 8.03 -4.40
N VAL A 154 5.45 8.05 -5.73
CA VAL A 154 6.54 7.36 -6.40
C VAL A 154 7.83 8.19 -6.22
N LEU A 155 7.74 9.50 -6.44
CA LEU A 155 8.88 10.36 -6.24
C LEU A 155 9.40 10.21 -4.79
N SER A 156 8.49 10.16 -3.82
CA SER A 156 8.90 10.00 -2.43
C SER A 156 9.58 8.66 -2.20
N GLY A 157 8.99 7.60 -2.75
CA GLY A 157 9.56 6.25 -2.64
C GLY A 157 10.95 6.16 -3.23
N LEU A 158 11.25 6.94 -4.27
CA LEU A 158 12.54 6.87 -4.97
C LEU A 158 13.65 7.66 -4.31
N SER A 159 13.29 8.58 -3.40
CA SER A 159 14.21 9.55 -2.89
C SER A 159 14.20 9.54 -1.33
N PHE A 160 13.32 10.32 -0.72
CA PHE A 160 13.22 10.34 0.74
C PHE A 160 13.07 8.98 1.39
N GLU A 161 12.04 8.22 0.98
CA GLU A 161 11.63 6.99 1.71
C GLU A 161 12.72 5.95 1.61
N ALA A 162 13.49 6.04 0.55
CA ALA A 162 14.53 5.06 0.35
C ALA A 162 15.67 5.37 1.30
N SER A 163 16.04 6.63 1.43
CA SER A 163 17.14 7.04 2.35
C SER A 163 16.84 6.95 3.90
N VAL A 164 15.57 6.79 4.26
CA VAL A 164 15.23 6.23 5.57
C VAL A 164 16.03 4.95 5.73
N ALA A 165 16.09 4.18 4.65
CA ALA A 165 16.78 2.91 4.64
C ALA A 165 18.26 3.08 4.87
N LEU A 166 18.85 4.07 4.22
CA LEU A 166 20.27 4.35 4.42
C LEU A 166 20.54 4.74 5.88
N ALA A 167 19.71 5.65 6.38
CA ALA A 167 19.83 6.11 7.75
C ALA A 167 19.74 4.94 8.71
N ARG A 168 18.70 4.12 8.53
CA ARG A 168 18.45 2.95 9.38
C ARG A 168 19.66 2.04 9.37
N LYS A 169 20.13 1.68 8.19
CA LYS A 169 21.29 0.81 8.07
C LYS A 169 22.61 1.46 8.52
N HIS A 170 22.69 2.79 8.49
CA HIS A 170 23.86 3.51 9.07
C HIS A 170 23.83 3.45 10.59
N ALA A 171 22.71 3.87 11.18
CA ALA A 171 22.54 3.85 12.64
C ALA A 171 22.76 2.45 13.24
N LEU A 172 22.47 1.42 12.45
CA LEU A 172 22.70 0.01 12.84
C LEU A 172 24.10 -0.52 12.45
N GLY A 173 24.97 0.35 11.95
CA GLY A 173 26.38 0.03 11.78
C GLY A 173 26.83 -0.62 10.47
N PHE A 174 25.91 -0.85 9.53
CA PHE A 174 26.29 -1.59 8.31
C PHE A 174 27.38 -0.89 7.47
N TYR A 175 27.43 0.43 7.55
CA TYR A 175 28.49 1.22 6.90
C TYR A 175 28.67 2.59 7.59
N GLN A 176 29.88 3.14 7.51
CA GLN A 176 30.18 4.49 7.99
C GLN A 176 30.23 5.45 6.77
N LEU A 177 29.60 6.61 6.91
CA LEU A 177 29.48 7.56 5.82
C LEU A 177 30.09 8.91 6.23
N ASP A 178 31.19 9.32 5.58
CA ASP A 178 31.73 10.68 5.77
C ASP A 178 30.90 11.73 4.99
N ASP A 179 31.18 13.00 5.26
CA ASP A 179 30.38 14.11 4.74
C ASP A 179 30.38 14.16 3.21
N ASP A 180 31.52 13.89 2.60
CA ASP A 180 31.60 13.75 1.14
C ASP A 180 30.65 12.62 0.69
N ALA A 181 30.68 11.50 1.41
CA ALA A 181 29.86 10.32 1.08
C ALA A 181 28.38 10.61 1.26
N LEU A 182 28.03 11.37 2.29
CA LEU A 182 26.64 11.74 2.52
C LEU A 182 26.10 12.67 1.43
N GLU A 183 26.89 13.68 1.09
CA GLU A 183 26.49 14.59 0.00
C GLU A 183 26.38 13.79 -1.30
N ALA A 184 27.24 12.79 -1.49
CA ALA A 184 27.17 11.96 -2.69
C ALA A 184 25.87 11.17 -2.70
N ALA A 185 25.47 10.66 -1.53
CA ALA A 185 24.17 10.00 -1.41
C ALA A 185 22.98 10.94 -1.71
N ILE A 186 23.03 12.17 -1.19
CA ILE A 186 21.96 13.14 -1.44
C ILE A 186 21.85 13.40 -2.94
N GLU A 187 23.01 13.60 -3.58
CA GLU A 187 23.03 13.87 -5.00
C GLU A 187 22.51 12.71 -5.84
N ALA A 188 22.84 11.48 -5.43
CA ALA A 188 22.43 10.31 -6.18
C ALA A 188 20.90 10.14 -6.13
N SER A 189 20.33 10.38 -4.95
CA SER A 189 18.88 10.29 -4.77
C SER A 189 18.16 11.40 -5.57
N TRP A 190 18.75 12.59 -5.65
CA TRP A 190 18.24 13.66 -6.51
C TRP A 190 18.21 13.18 -7.97
N ASP A 191 19.25 12.46 -8.41
CA ASP A 191 19.27 11.88 -9.74
C ASP A 191 18.06 11.00 -10.02
N ALA A 192 17.58 10.30 -8.98
CA ALA A 192 16.44 9.40 -9.16
C ALA A 192 15.20 10.20 -9.56
N ILE A 193 15.04 11.40 -9.03
CA ILE A 193 13.79 12.15 -9.23
C ILE A 193 13.85 13.23 -10.31
N ILE A 194 15.06 13.65 -10.70
CA ILE A 194 15.15 14.64 -11.77
C ILE A 194 15.13 13.97 -13.16
N LYS A 195 14.69 14.74 -14.15
CA LYS A 195 14.76 14.37 -15.56
C LYS A 195 16.21 14.44 -16.03
N HIS A 196 16.62 13.56 -16.94
CA HIS A 196 18.01 13.53 -17.40
C HIS A 196 18.10 13.67 -18.92
N ASP B 11 12.52 -32.72 11.07
CA ASP B 11 11.13 -32.16 10.98
C ASP B 11 10.56 -31.67 12.31
N LYS B 12 10.86 -32.33 13.43
CA LYS B 12 10.54 -31.76 14.77
C LYS B 12 11.33 -30.47 15.03
N ARG B 13 12.65 -30.51 14.80
CA ARG B 13 13.46 -29.30 14.80
C ARG B 13 12.89 -28.23 13.86
N ASP B 14 12.52 -28.67 12.65
CA ASP B 14 12.02 -27.76 11.64
C ASP B 14 10.66 -27.22 12.03
N GLN B 15 9.85 -28.07 12.65
CA GLN B 15 8.55 -27.62 13.20
C GLN B 15 8.75 -26.52 14.24
N ILE B 16 9.72 -26.70 15.13
CA ILE B 16 9.97 -25.69 16.17
C ILE B 16 10.40 -24.40 15.49
N LEU B 17 11.28 -24.52 14.51
CA LEU B 17 11.80 -23.36 13.82
C LEU B 17 10.66 -22.60 13.12
N ALA B 18 9.71 -23.35 12.53
CA ALA B 18 8.61 -22.73 11.79
C ALA B 18 7.70 -22.04 12.78
N ALA B 19 7.44 -22.70 13.90
CA ALA B 19 6.61 -22.10 14.95
C ALA B 19 7.25 -20.81 15.48
N ALA B 20 8.57 -20.82 15.61
CA ALA B 20 9.31 -19.66 16.10
C ALA B 20 9.07 -18.50 15.15
N GLU B 21 9.25 -18.80 13.87
CA GLU B 21 9.08 -17.81 12.85
C GLU B 21 7.65 -17.25 12.84
N GLN B 22 6.68 -18.12 13.01
CA GLN B 22 5.29 -17.68 13.07
C GLN B 22 5.05 -16.73 14.27
N LEU B 23 5.58 -17.06 15.44
CA LEU B 23 5.34 -16.24 16.61
C LEU B 23 5.97 -14.88 16.40
N ILE B 24 7.14 -14.90 15.78
CA ILE B 24 7.87 -13.69 15.51
C ILE B 24 7.07 -12.84 14.53
N ALA B 25 6.50 -13.48 13.50
CA ALA B 25 5.71 -12.75 12.51
C ALA B 25 4.52 -12.08 13.18
N GLU B 26 3.92 -12.75 14.15
CA GLU B 26 2.80 -12.18 14.91
C GLU B 26 3.22 -11.12 15.95
N SER B 27 4.31 -11.35 16.68
CA SER B 27 4.62 -10.59 17.91
C SER B 27 6.05 -10.08 18.05
N GLY B 28 6.87 -10.27 17.02
CA GLY B 28 8.29 -9.85 17.08
C GLY B 28 9.08 -10.71 18.04
N PHE B 29 10.33 -10.32 18.31
CA PHE B 29 11.20 -11.03 19.28
C PHE B 29 10.76 -10.90 20.72
N GLN B 30 9.88 -9.92 20.97
CA GLN B 30 9.43 -9.58 22.32
C GLN B 30 8.26 -10.49 22.75
N GLY B 31 7.58 -11.06 21.76
CA GLY B 31 6.58 -12.10 22.01
C GLY B 31 7.15 -13.52 21.88
N LEU B 32 8.45 -13.64 21.58
CA LEU B 32 9.08 -14.96 21.56
C LEU B 32 9.63 -15.30 22.94
N SER B 33 8.81 -15.97 23.74
CA SER B 33 9.26 -16.65 24.96
C SER B 33 9.29 -18.15 24.70
N MSE B 34 10.13 -18.86 25.44
CA MSE B 34 10.28 -20.28 25.23
C MSE B 34 8.99 -21.00 25.59
O MSE B 34 8.66 -21.99 24.97
CB MSE B 34 11.43 -20.85 26.06
CG MSE B 34 12.76 -20.30 25.64
SE MSE B 34 13.34 -20.91 23.86
CE MSE B 34 14.81 -22.05 24.58
N GLN B 35 8.28 -20.48 26.58
CA GLN B 35 7.00 -21.03 26.96
C GLN B 35 5.97 -20.95 25.84
N LYS B 36 5.79 -19.74 25.30
CA LYS B 36 4.91 -19.53 24.17
C LYS B 36 5.29 -20.39 22.96
N LEU B 37 6.59 -20.52 22.68
CA LEU B 37 7.06 -21.38 21.57
C LEU B 37 6.75 -22.87 21.79
N ALA B 38 7.01 -23.35 23.00
CA ALA B 38 6.69 -24.73 23.37
C ALA B 38 5.24 -24.99 23.02
N ASN B 39 4.40 -24.03 23.35
CA ASN B 39 2.96 -24.17 23.22
C ASN B 39 2.54 -24.07 21.78
N GLU B 40 3.19 -23.16 21.03
CA GLU B 40 2.91 -22.99 19.62
C GLU B 40 3.34 -24.22 18.84
N ALA B 41 4.45 -24.83 19.21
CA ALA B 41 4.95 -25.98 18.50
C ALA B 41 4.33 -27.27 19.04
N GLY B 42 3.57 -27.19 20.13
CA GLY B 42 2.95 -28.39 20.73
C GLY B 42 3.93 -29.32 21.42
N VAL B 43 5.03 -28.76 21.91
CA VAL B 43 6.05 -29.55 22.59
C VAL B 43 6.23 -29.09 24.04
N ALA B 44 6.98 -29.85 24.83
CA ALA B 44 7.47 -29.39 26.14
C ALA B 44 8.68 -28.48 25.92
N ALA B 45 8.89 -27.52 26.83
CA ALA B 45 9.97 -26.55 26.70
C ALA B 45 11.33 -27.25 26.67
N GLY B 46 11.46 -28.34 27.44
CA GLY B 46 12.66 -29.16 27.41
C GLY B 46 13.08 -29.60 26.01
N THR B 47 12.09 -29.91 25.16
CA THR B 47 12.36 -30.41 23.82
C THR B 47 13.07 -29.32 23.02
N ILE B 48 12.67 -28.07 23.24
CA ILE B 48 13.31 -26.93 22.58
C ILE B 48 14.78 -26.86 22.97
N TYR B 49 15.06 -26.87 24.27
CA TYR B 49 16.45 -26.85 24.76
C TYR B 49 17.26 -28.02 24.20
N ARG B 50 16.58 -29.13 23.91
CA ARG B 50 17.21 -30.31 23.36
C ARG B 50 17.66 -30.04 21.93
N TYR B 51 16.79 -29.48 21.11
CA TYR B 51 17.11 -29.24 19.69
C TYR B 51 17.94 -27.97 19.39
N PHE B 52 17.83 -26.94 20.20
CA PHE B 52 18.71 -25.75 20.09
C PHE B 52 19.30 -25.70 21.46
N SER B 53 20.29 -24.88 21.74
CA SER B 53 20.80 -25.00 23.14
C SER B 53 20.07 -24.04 24.05
N ASP B 54 19.52 -23.00 23.45
CA ASP B 54 19.00 -21.86 24.17
C ASP B 54 18.39 -20.96 23.13
N LYS B 55 17.75 -19.91 23.60
CA LYS B 55 16.99 -19.01 22.79
C LYS B 55 17.89 -18.22 21.82
N GLU B 56 19.10 -17.86 22.28
CA GLU B 56 20.02 -17.13 21.41
C GLU B 56 20.33 -17.94 20.15
N HIS B 57 20.62 -19.22 20.34
CA HIS B 57 20.98 -20.07 19.22
C HIS B 57 19.77 -20.40 18.34
N LEU B 58 18.61 -20.59 18.95
CA LEU B 58 17.38 -20.69 18.16
C LEU B 58 17.23 -19.44 17.26
N LEU B 59 17.47 -18.26 17.84
CA LEU B 59 17.32 -17.01 17.11
C LEU B 59 18.36 -16.84 16.04
N GLU B 60 19.60 -17.29 16.25
CA GLU B 60 20.55 -17.21 15.15
C GLU B 60 20.09 -18.11 14.00
N GLU B 61 19.56 -19.29 14.31
CA GLU B 61 19.04 -20.14 13.24
C GLU B 61 17.82 -19.55 12.51
N VAL B 62 16.97 -18.86 13.24
CA VAL B 62 15.86 -18.18 12.61
C VAL B 62 16.42 -17.14 11.64
N ARG B 63 17.31 -16.28 12.12
CA ARG B 63 17.87 -15.25 11.26
C ARG B 63 18.51 -15.83 10.00
N LEU B 64 19.32 -16.89 10.16
CA LEU B 64 19.99 -17.44 9.00
C LEU B 64 18.96 -18.07 8.05
N ASN B 65 17.92 -18.67 8.59
CA ASN B 65 16.93 -19.30 7.78
C ASN B 65 16.19 -18.26 6.95
N VAL B 66 15.78 -17.19 7.62
CA VAL B 66 15.03 -16.15 7.01
C VAL B 66 15.90 -15.43 5.97
N ALA B 67 17.18 -15.17 6.28
CA ALA B 67 18.06 -14.47 5.37
C ALA B 67 18.28 -15.31 4.09
N LYS B 68 18.45 -16.61 4.26
CA LYS B 68 18.65 -17.48 3.12
C LYS B 68 17.44 -17.48 2.21
N ARG B 69 16.24 -17.46 2.81
CA ARG B 69 15.06 -17.46 1.99
C ARG B 69 14.90 -16.09 1.28
N ILE B 70 15.19 -15.00 1.97
CA ILE B 70 15.12 -13.68 1.33
C ILE B 70 16.12 -13.65 0.16
N ALA B 71 17.35 -14.13 0.43
CA ALA B 71 18.43 -14.06 -0.56
C ALA B 71 18.06 -14.87 -1.79
N SER B 72 17.45 -16.01 -1.54
CA SER B 72 16.98 -16.90 -2.59
C SER B 72 15.93 -16.21 -3.47
N ALA B 73 15.02 -15.50 -2.82
CA ALA B 73 13.92 -14.87 -3.53
C ALA B 73 14.50 -13.66 -4.31
N VAL B 74 15.40 -12.91 -3.68
CA VAL B 74 15.94 -11.69 -4.28
C VAL B 74 16.73 -11.98 -5.56
N GLN B 75 17.43 -13.11 -5.54
CA GLN B 75 18.28 -13.45 -6.62
C GLN B 75 17.71 -14.51 -7.59
N ALA B 76 16.41 -14.82 -7.47
CA ALA B 76 15.80 -15.88 -8.29
C ALA B 76 15.83 -15.48 -9.75
N GLY B 77 16.26 -16.40 -10.61
CA GLY B 77 16.30 -16.18 -12.05
C GLY B 77 17.37 -15.23 -12.51
N VAL B 78 18.34 -14.91 -11.64
CA VAL B 78 19.44 -14.02 -12.01
C VAL B 78 20.60 -14.87 -12.46
N ASN B 79 21.00 -14.63 -13.69
CA ASN B 79 22.12 -15.31 -14.31
C ASN B 79 23.24 -14.30 -14.46
N ASP B 80 24.40 -14.64 -13.92
CA ASP B 80 25.53 -13.70 -13.85
C ASP B 80 26.04 -13.24 -15.20
N ASP B 81 25.88 -14.07 -16.23
CA ASP B 81 26.28 -13.68 -17.60
C ASP B 81 25.35 -12.65 -18.29
N MSE B 82 24.12 -12.46 -17.80
CA MSE B 82 23.23 -11.52 -18.46
CA MSE B 82 23.12 -11.48 -18.31
C MSE B 82 23.70 -10.07 -18.29
O MSE B 82 24.48 -9.73 -17.41
CB MSE B 82 21.81 -11.72 -17.97
CB MSE B 82 21.84 -11.41 -17.41
CG MSE B 82 21.30 -13.07 -18.37
CG MSE B 82 20.77 -12.58 -17.42
SE MSE B 82 21.53 -13.31 -20.26
SE MSE B 82 19.33 -12.70 -15.90
CE MSE B 82 23.22 -14.31 -20.44
CE MSE B 82 18.35 -11.00 -15.94
N PRO B 83 23.25 -9.19 -19.18
CA PRO B 83 23.66 -7.81 -18.99
C PRO B 83 23.31 -7.20 -17.62
N LEU B 84 24.08 -6.20 -17.20
CA LEU B 84 23.93 -5.53 -15.92
C LEU B 84 22.51 -5.11 -15.60
N LYS B 85 21.89 -4.40 -16.53
CA LYS B 85 20.58 -3.81 -16.30
C LYS B 85 19.49 -4.89 -16.26
N GLU B 86 19.72 -6.01 -16.94
CA GLU B 86 18.78 -7.09 -16.88
C GLU B 86 18.74 -7.76 -15.49
N ARG B 87 19.90 -8.06 -14.93
CA ARG B 87 20.05 -8.51 -13.56
C ARG B 87 19.44 -7.53 -12.55
N TYR B 88 19.70 -6.26 -12.75
CA TYR B 88 19.11 -5.22 -11.94
C TYR B 88 17.61 -5.30 -11.96
N ARG B 89 17.02 -5.36 -13.16
CA ARG B 89 15.58 -5.40 -13.28
C ARG B 89 15.00 -6.62 -12.61
N THR B 90 15.61 -7.77 -12.87
CA THR B 90 15.11 -9.00 -12.29
C THR B 90 15.06 -8.97 -10.77
N MSE B 91 16.16 -8.52 -10.17
CA MSE B 91 16.23 -8.31 -8.72
C MSE B 91 15.26 -7.27 -8.17
O MSE B 91 14.62 -7.47 -7.14
CB MSE B 91 17.66 -7.97 -8.33
CG MSE B 91 18.64 -9.17 -8.49
SE MSE B 91 20.41 -8.54 -7.91
CE MSE B 91 21.74 -9.66 -8.84
N TRP B 92 15.11 -6.15 -8.89
CA TRP B 92 14.21 -5.09 -8.45
C TRP B 92 12.79 -5.66 -8.37
N LEU B 93 12.39 -6.42 -9.38
CA LEU B 93 11.05 -7.00 -9.39
C LEU B 93 10.89 -8.15 -8.42
N ASN B 94 11.93 -8.97 -8.27
CA ASN B 94 11.90 -10.00 -7.24
C ASN B 94 11.59 -9.36 -5.84
N ILE B 95 12.25 -8.24 -5.55
CA ILE B 95 12.06 -7.51 -4.31
C ILE B 95 10.65 -7.03 -4.24
N TRP B 96 10.17 -6.48 -5.34
CA TRP B 96 8.85 -5.93 -5.41
C TRP B 96 7.84 -7.00 -5.06
N ASN B 97 8.04 -8.19 -5.58
CA ASN B 97 7.11 -9.25 -5.32
C ASN B 97 7.22 -9.90 -3.94
N LEU B 98 8.28 -9.64 -3.19
CA LEU B 98 8.36 -10.11 -1.79
C LEU B 98 7.40 -9.39 -0.87
N ALA B 99 7.01 -8.15 -1.23
CA ALA B 99 6.16 -7.31 -0.40
C ALA B 99 4.83 -7.98 -0.07
N GLY B 100 4.43 -7.86 1.19
CA GLY B 100 3.21 -8.44 1.67
C GLY B 100 3.34 -9.91 1.98
N SER B 101 4.50 -10.52 1.70
CA SER B 101 4.61 -11.95 1.92
C SER B 101 4.84 -12.28 3.40
N ASN B 102 4.31 -13.44 3.76
N ASN B 102 4.53 -13.52 3.77
CA ASN B 102 4.74 -14.28 4.88
CA ASN B 102 4.79 -14.00 5.13
C ASN B 102 6.20 -14.03 5.31
C ASN B 102 6.29 -14.01 5.41
N LEU B 103 7.10 -14.33 4.38
CA LEU B 103 8.55 -14.26 4.56
C LEU B 103 9.02 -12.84 4.82
N ASN B 104 8.46 -11.88 4.11
CA ASN B 104 8.84 -10.49 4.33
C ASN B 104 8.40 -10.01 5.69
N ALA B 105 7.23 -10.48 6.12
CA ALA B 105 6.79 -10.23 7.49
C ALA B 105 7.89 -10.65 8.49
N ILE B 106 8.29 -11.91 8.43
CA ILE B 106 9.20 -12.46 9.43
C ILE B 106 10.54 -11.71 9.37
N SER B 107 10.98 -11.38 8.15
CA SER B 107 12.26 -10.70 7.97
C SER B 107 12.25 -9.27 8.50
N ASN B 108 11.26 -8.49 8.08
CA ASN B 108 10.98 -7.19 8.70
C ASN B 108 11.30 -7.22 10.20
N ARG B 109 10.71 -8.16 10.92
CA ARG B 109 10.85 -8.20 12.38
C ARG B 109 12.24 -8.66 12.90
N VAL B 110 13.02 -9.38 12.09
CA VAL B 110 14.42 -9.71 12.44
C VAL B 110 15.41 -8.74 11.79
N THR B 119 22.94 -9.37 17.01
CA THR B 119 23.54 -10.11 15.90
C THR B 119 25.05 -10.15 16.08
N ARG B 120 25.67 -11.18 15.51
CA ARG B 120 27.10 -11.46 15.62
C ARG B 120 27.84 -11.04 14.37
N ASN B 121 29.16 -11.03 14.44
CA ASN B 121 29.97 -10.75 13.26
C ASN B 121 29.89 -11.95 12.34
N LYS B 122 29.86 -13.14 12.93
CA LYS B 122 29.83 -14.38 12.14
C LYS B 122 28.50 -14.50 11.39
N THR B 123 27.44 -14.07 12.05
CA THR B 123 26.10 -14.10 11.46
C THR B 123 26.06 -13.17 10.25
N TRP B 124 26.52 -11.94 10.42
N TRP B 124 26.51 -11.92 10.40
CA TRP B 124 26.56 -10.98 9.33
CA TRP B 124 26.54 -10.99 9.28
C TRP B 124 27.46 -11.42 8.19
C TRP B 124 27.43 -11.49 8.16
N GLU B 125 28.61 -12.02 8.48
CA GLU B 125 29.52 -12.53 7.42
C GLU B 125 28.84 -13.62 6.62
N LEU B 126 28.22 -14.59 7.32
CA LEU B 126 27.46 -15.65 6.66
C LEU B 126 26.28 -15.06 5.86
N GLU B 127 25.58 -14.07 6.39
CA GLU B 127 24.45 -13.48 5.66
C GLU B 127 24.91 -12.79 4.41
N ARG B 128 25.98 -12.03 4.50
CA ARG B 128 26.43 -11.29 3.35
C ARG B 128 26.82 -12.24 2.20
N LYS B 129 27.46 -13.37 2.51
CA LYS B 129 27.83 -14.32 1.46
C LYS B 129 26.64 -14.79 0.67
N MSE B 130 25.46 -14.81 1.29
CA MSE B 130 24.23 -15.23 0.62
C MSE B 130 23.81 -14.27 -0.47
O MSE B 130 23.10 -14.66 -1.36
CB MSE B 130 23.07 -15.38 1.63
CG MSE B 130 23.32 -16.41 2.71
SE MSE B 130 21.91 -16.41 4.05
CE MSE B 130 22.74 -17.55 5.40
N PHE B 131 24.20 -13.00 -0.36
CA PHE B 131 23.82 -12.00 -1.33
C PHE B 131 24.95 -11.70 -2.31
N ALA B 132 25.78 -12.72 -2.58
CA ALA B 132 26.96 -12.52 -3.43
C ALA B 132 26.59 -11.98 -4.81
N GLN B 133 25.46 -12.39 -5.39
CA GLN B 133 25.15 -11.88 -6.73
C GLN B 133 24.90 -10.43 -6.73
N VAL B 134 24.36 -9.92 -5.61
CA VAL B 134 24.01 -8.51 -5.53
C VAL B 134 25.35 -7.73 -5.51
N ASP B 135 26.31 -8.23 -4.74
CA ASP B 135 27.64 -7.60 -4.69
C ASP B 135 28.31 -7.66 -6.05
N ARG B 136 28.23 -8.80 -6.76
CA ARG B 136 28.88 -8.84 -8.07
C ARG B 136 28.22 -7.83 -9.05
N LEU B 137 26.92 -7.61 -8.95
CA LEU B 137 26.27 -6.66 -9.81
C LEU B 137 26.89 -5.29 -9.57
N PHE B 138 26.92 -4.85 -8.32
CA PHE B 138 27.43 -3.53 -8.02
C PHE B 138 28.93 -3.42 -8.31
N ASN B 139 29.70 -4.47 -8.02
CA ASN B 139 31.16 -4.39 -8.25
C ASN B 139 31.46 -4.34 -9.73
N GLN B 140 30.75 -5.14 -10.51
CA GLN B 140 30.97 -5.14 -11.97
C GLN B 140 30.55 -3.79 -12.58
N GLY B 141 29.41 -3.25 -12.17
CA GLY B 141 29.01 -1.95 -12.69
C GLY B 141 29.95 -0.81 -12.35
N LYS B 142 30.51 -0.85 -11.14
CA LYS B 142 31.49 0.16 -10.76
C LYS B 142 32.76 -0.04 -11.57
N GLU B 143 33.19 -1.28 -11.69
CA GLU B 143 34.43 -1.55 -12.43
C GLU B 143 34.28 -1.18 -13.89
N GLU B 144 33.08 -1.30 -14.44
CA GLU B 144 32.86 -0.90 -15.83
C GLU B 144 32.59 0.56 -16.05
N GLY B 145 32.58 1.37 -15.00
CA GLY B 145 32.31 2.78 -15.17
C GLY B 145 30.82 3.09 -15.33
N VAL B 146 29.96 2.10 -15.08
CA VAL B 146 28.54 2.35 -15.19
C VAL B 146 27.97 2.99 -13.93
N PHE B 147 28.29 2.43 -12.76
CA PHE B 147 27.76 2.88 -11.48
C PHE B 147 28.63 3.94 -10.80
N LYS B 148 27.99 4.78 -9.98
CA LYS B 148 28.71 5.75 -9.15
C LYS B 148 29.63 4.98 -8.23
N PRO B 149 30.81 5.51 -7.96
CA PRO B 149 31.77 4.79 -7.15
C PRO B 149 31.45 4.88 -5.68
N LEU B 150 30.31 4.33 -5.26
CA LEU B 150 29.94 4.33 -3.89
C LEU B 150 29.94 2.90 -3.34
N ASP B 151 29.91 2.81 -2.03
CA ASP B 151 29.81 1.55 -1.33
C ASP B 151 28.54 0.78 -1.72
N ASN B 152 28.66 -0.54 -1.78
CA ASN B 152 27.57 -1.38 -2.26
C ASN B 152 26.31 -1.22 -1.42
N GLU B 153 26.50 -1.07 -0.11
CA GLU B 153 25.39 -0.84 0.79
C GLU B 153 24.69 0.46 0.45
N VAL B 154 25.45 1.47 0.04
CA VAL B 154 24.87 2.76 -0.31
C VAL B 154 24.17 2.66 -1.66
N LEU B 155 24.79 1.96 -2.60
CA LEU B 155 24.15 1.77 -3.91
C LEU B 155 22.83 1.02 -3.76
N SER B 156 22.85 -0.03 -2.94
CA SER B 156 21.67 -0.82 -2.64
C SER B 156 20.62 0.06 -1.95
N GLY B 157 21.03 0.84 -0.96
CA GLY B 157 20.16 1.78 -0.32
C GLY B 157 19.47 2.76 -1.27
N LEU B 158 20.15 3.15 -2.36
CA LEU B 158 19.64 4.17 -3.25
C LEU B 158 18.70 3.63 -4.30
N SER B 159 18.73 2.31 -4.51
CA SER B 159 18.04 1.67 -5.62
C SER B 159 17.04 0.61 -5.14
N PHE B 160 17.51 -0.58 -4.78
CA PHE B 160 16.63 -1.63 -4.32
C PHE B 160 15.71 -1.27 -3.12
N GLU B 161 16.17 -0.45 -2.19
CA GLU B 161 15.28 0.05 -1.12
C GLU B 161 14.18 0.96 -1.64
N ALA B 162 14.30 1.47 -2.85
CA ALA B 162 13.15 2.15 -3.42
C ALA B 162 12.16 1.07 -3.80
N SER B 163 12.62 -0.08 -4.28
CA SER B 163 11.66 -1.13 -4.60
C SER B 163 10.91 -1.53 -3.32
N VAL B 164 11.63 -1.73 -2.22
CA VAL B 164 11.03 -2.11 -0.93
C VAL B 164 9.97 -1.08 -0.51
N ALA B 165 10.27 0.21 -0.60
CA ALA B 165 9.34 1.25 -0.03
C ALA B 165 8.07 1.29 -0.84
N LEU B 166 8.24 1.31 -2.15
CA LEU B 166 7.14 1.40 -3.09
C LEU B 166 6.32 0.11 -3.01
N ALA B 167 6.98 -1.03 -3.02
CA ALA B 167 6.30 -2.31 -2.93
C ALA B 167 5.49 -2.40 -1.65
N ARG B 168 6.05 -1.93 -0.54
CA ARG B 168 5.31 -2.00 0.73
C ARG B 168 3.99 -1.22 0.64
N LYS B 169 4.09 0.04 0.26
CA LYS B 169 2.91 0.93 0.18
C LYS B 169 1.90 0.31 -0.77
N HIS B 170 2.42 -0.33 -1.80
CA HIS B 170 1.59 -0.99 -2.77
C HIS B 170 0.90 -2.23 -2.20
N ALA B 171 1.64 -3.06 -1.45
CA ALA B 171 1.03 -4.27 -0.91
C ALA B 171 -0.03 -3.92 0.11
N LEU B 172 0.16 -2.82 0.82
CA LEU B 172 -0.76 -2.40 1.88
C LEU B 172 -2.05 -1.92 1.28
N GLY B 173 -2.06 -1.67 -0.02
CA GLY B 173 -3.25 -1.19 -0.69
C GLY B 173 -3.33 0.31 -0.60
N PHE B 174 -2.22 0.95 -0.23
CA PHE B 174 -2.21 2.40 -0.04
C PHE B 174 -2.18 3.09 -1.38
N TYR B 175 -1.18 2.75 -2.18
CA TYR B 175 -1.00 3.38 -3.47
C TYR B 175 -0.86 2.31 -4.56
N GLN B 176 -1.49 2.52 -5.71
CA GLN B 176 -1.43 1.57 -6.85
C GLN B 176 -0.57 2.14 -7.98
N LEU B 177 0.40 1.36 -8.46
CA LEU B 177 1.25 1.75 -9.59
C LEU B 177 0.85 0.94 -10.81
N ASP B 178 0.30 1.55 -11.84
CA ASP B 178 0.12 0.80 -13.09
C ASP B 178 1.46 0.42 -13.74
N ASP B 179 1.39 -0.36 -14.81
CA ASP B 179 2.59 -0.93 -15.41
C ASP B 179 3.60 0.07 -15.95
N ASP B 180 3.10 1.08 -16.65
CA ASP B 180 3.96 2.14 -17.18
C ASP B 180 4.67 2.88 -16.05
N ALA B 181 3.95 3.11 -14.95
CA ALA B 181 4.52 3.70 -13.72
C ALA B 181 5.56 2.83 -13.06
N LEU B 182 5.34 1.52 -13.03
CA LEU B 182 6.33 0.60 -12.48
C LEU B 182 7.62 0.59 -13.32
N GLU B 183 7.47 0.54 -14.63
CA GLU B 183 8.59 0.65 -15.54
C GLU B 183 9.33 1.98 -15.32
N ALA B 184 8.62 3.08 -15.21
CA ALA B 184 9.27 4.37 -14.95
C ALA B 184 10.03 4.36 -13.64
N ALA B 185 9.46 3.73 -12.62
CA ALA B 185 10.11 3.70 -11.32
C ALA B 185 11.37 2.85 -11.39
N ILE B 186 11.34 1.76 -12.15
CA ILE B 186 12.55 0.98 -12.30
C ILE B 186 13.62 1.84 -12.98
N GLU B 187 13.25 2.60 -14.02
CA GLU B 187 14.26 3.46 -14.64
C GLU B 187 14.76 4.55 -13.73
N ALA B 188 13.86 5.17 -12.98
CA ALA B 188 14.27 6.23 -12.08
C ALA B 188 15.26 5.74 -11.05
N SER B 189 15.04 4.56 -10.47
CA SER B 189 15.96 4.07 -9.44
C SER B 189 17.33 3.66 -10.05
N TRP B 190 17.34 3.26 -11.31
CA TRP B 190 18.58 3.06 -12.06
C TRP B 190 19.33 4.37 -12.19
N ASP B 191 18.64 5.46 -12.49
CA ASP B 191 19.27 6.77 -12.51
C ASP B 191 20.00 7.10 -11.20
N ALA B 192 19.49 6.63 -10.07
CA ALA B 192 20.14 6.96 -8.80
C ALA B 192 21.55 6.38 -8.77
N ILE B 193 21.73 5.18 -9.32
CA ILE B 193 23.00 4.47 -9.20
C ILE B 193 23.97 4.63 -10.39
N ILE B 194 23.51 5.06 -11.54
CA ILE B 194 24.42 5.23 -12.67
C ILE B 194 25.06 6.62 -12.62
N LYS B 195 26.21 6.75 -13.28
CA LYS B 195 26.83 8.07 -13.51
C LYS B 195 26.09 8.80 -14.59
N HIS B 196 26.01 10.11 -14.45
CA HIS B 196 25.43 10.93 -15.49
C HIS B 196 26.47 11.94 -15.96
N ASP C 11 -10.65 -10.75 -30.10
CA ASP C 11 -10.31 -12.17 -29.75
C ASP C 11 -11.42 -12.79 -28.83
N LYS C 12 -11.15 -13.95 -28.25
CA LYS C 12 -12.13 -14.61 -27.37
C LYS C 12 -12.35 -13.97 -25.96
N ARG C 13 -11.54 -12.98 -25.58
CA ARG C 13 -11.56 -12.45 -24.20
C ARG C 13 -12.99 -12.03 -23.75
N ASP C 14 -13.59 -11.18 -24.57
CA ASP C 14 -14.94 -10.68 -24.38
C ASP C 14 -15.98 -11.78 -24.29
N GLN C 15 -15.86 -12.75 -25.16
CA GLN C 15 -16.71 -13.91 -25.14
C GLN C 15 -16.56 -14.66 -23.80
N ILE C 16 -15.32 -14.87 -23.33
CA ILE C 16 -15.08 -15.61 -22.10
C ILE C 16 -15.67 -14.84 -20.91
N LEU C 17 -15.48 -13.51 -20.90
CA LEU C 17 -15.96 -12.69 -19.81
C LEU C 17 -17.48 -12.67 -19.77
N ALA C 18 -18.14 -12.58 -20.94
CA ALA C 18 -19.61 -12.60 -20.96
C ALA C 18 -20.14 -13.96 -20.49
N ALA C 19 -19.46 -15.04 -20.84
CA ALA C 19 -19.89 -16.37 -20.35
C ALA C 19 -19.69 -16.47 -18.83
N ALA C 20 -18.57 -15.97 -18.32
CA ALA C 20 -18.32 -15.95 -16.87
C ALA C 20 -19.39 -15.15 -16.12
N GLU C 21 -19.77 -14.00 -16.68
CA GLU C 21 -20.73 -13.13 -16.08
C GLU C 21 -22.12 -13.81 -16.02
N GLN C 22 -22.52 -14.46 -17.10
CA GLN C 22 -23.76 -15.23 -17.09
C GLN C 22 -23.77 -16.31 -15.99
N LEU C 23 -22.70 -17.08 -15.88
CA LEU C 23 -22.57 -18.06 -14.80
C LEU C 23 -22.58 -17.41 -13.39
N ILE C 24 -21.91 -16.29 -13.22
CA ILE C 24 -21.88 -15.63 -11.93
C ILE C 24 -23.27 -15.09 -11.57
N ALA C 25 -23.98 -14.56 -12.54
CA ALA C 25 -25.35 -14.12 -12.35
C ALA C 25 -26.14 -15.31 -11.78
N GLU C 26 -25.96 -16.48 -12.37
CA GLU C 26 -26.72 -17.66 -11.95
C GLU C 26 -26.21 -18.30 -10.67
N SER C 27 -24.96 -18.09 -10.27
CA SER C 27 -24.40 -18.93 -9.20
C SER C 27 -23.33 -18.36 -8.31
N GLY C 28 -23.02 -17.07 -8.45
CA GLY C 28 -22.05 -16.42 -7.58
C GLY C 28 -20.60 -16.58 -8.01
N PHE C 29 -19.79 -15.63 -7.55
CA PHE C 29 -18.34 -15.59 -7.82
C PHE C 29 -17.64 -16.83 -7.30
N GLN C 30 -17.95 -17.20 -6.06
CA GLN C 30 -17.39 -18.42 -5.44
C GLN C 30 -17.80 -19.72 -6.15
N GLY C 31 -18.97 -19.71 -6.80
CA GLY C 31 -19.49 -20.87 -7.49
C GLY C 31 -18.67 -21.28 -8.71
N LEU C 32 -18.11 -20.29 -9.42
CA LEU C 32 -17.57 -20.44 -10.79
C LEU C 32 -16.52 -21.54 -10.95
N SER C 33 -16.73 -22.42 -11.94
CA SER C 33 -15.76 -23.46 -12.26
C SER C 33 -15.16 -23.18 -13.62
N MSE C 34 -13.85 -23.36 -13.76
CA MSE C 34 -13.22 -23.12 -15.06
C MSE C 34 -13.75 -24.09 -16.11
O MSE C 34 -13.96 -23.73 -17.27
CB MSE C 34 -11.68 -23.22 -14.95
CG MSE C 34 -11.04 -22.19 -14.03
SE MSE C 34 -11.29 -20.28 -14.58
CE MSE C 34 -9.47 -19.97 -15.22
N GLN C 35 -13.99 -25.34 -15.71
CA GLN C 35 -14.50 -26.32 -16.64
C GLN C 35 -15.85 -25.87 -17.17
N LYS C 36 -16.73 -25.45 -16.25
CA LYS C 36 -18.08 -25.01 -16.61
C LYS C 36 -18.00 -23.75 -17.45
N LEU C 37 -17.07 -22.85 -17.14
CA LEU C 37 -16.86 -21.63 -17.94
C LEU C 37 -16.51 -22.01 -19.38
N ALA C 38 -15.58 -22.96 -19.51
CA ALA C 38 -15.13 -23.41 -20.84
C ALA C 38 -16.37 -23.83 -21.62
N ASN C 39 -17.14 -24.76 -21.03
CA ASN C 39 -18.37 -25.26 -21.66
C ASN C 39 -19.37 -24.14 -21.98
N GLU C 40 -19.54 -23.19 -21.08
CA GLU C 40 -20.47 -22.09 -21.31
C GLU C 40 -19.98 -21.13 -22.39
N ALA C 41 -18.68 -21.02 -22.56
CA ALA C 41 -18.11 -20.02 -23.48
C ALA C 41 -17.99 -20.51 -24.93
N GLY C 42 -18.10 -21.82 -25.16
CA GLY C 42 -17.89 -22.38 -26.50
C GLY C 42 -16.40 -22.37 -26.89
N VAL C 43 -15.57 -23.10 -26.14
CA VAL C 43 -14.15 -22.90 -26.14
C VAL C 43 -13.50 -24.03 -25.30
N ALA C 44 -12.34 -24.56 -25.71
CA ALA C 44 -11.68 -25.62 -24.90
C ALA C 44 -11.17 -25.05 -23.54
N ALA C 45 -11.10 -25.92 -22.52
CA ALA C 45 -10.61 -25.49 -21.21
C ALA C 45 -9.28 -24.76 -21.40
N GLY C 46 -8.45 -25.28 -22.32
CA GLY C 46 -7.17 -24.68 -22.68
C GLY C 46 -7.27 -23.24 -23.15
N THR C 47 -8.27 -22.92 -23.98
CA THR C 47 -8.41 -21.56 -24.48
C THR C 47 -8.49 -20.54 -23.39
N ILE C 48 -9.12 -20.88 -22.27
CA ILE C 48 -9.27 -19.92 -21.19
C ILE C 48 -7.91 -19.46 -20.64
N TYR C 49 -6.96 -20.38 -20.59
CA TYR C 49 -5.61 -20.13 -20.12
C TYR C 49 -4.77 -19.34 -21.11
N ARG C 50 -5.21 -19.17 -22.33
CA ARG C 50 -4.49 -18.27 -23.22
C ARG C 50 -4.85 -16.82 -22.96
N TYR C 51 -5.88 -16.60 -22.15
CA TYR C 51 -6.33 -15.24 -21.78
C TYR C 51 -6.28 -14.90 -20.31
N PHE C 52 -6.35 -15.89 -19.42
CA PHE C 52 -6.38 -15.65 -17.95
C PHE C 52 -5.53 -16.67 -17.22
N SER C 53 -4.72 -16.21 -16.29
CA SER C 53 -3.74 -17.09 -15.65
C SER C 53 -4.42 -18.04 -14.70
N ASP C 54 -5.52 -17.64 -14.09
CA ASP C 54 -6.25 -18.51 -13.15
C ASP C 54 -7.58 -17.88 -12.81
N LYS C 55 -8.33 -18.58 -11.98
CA LYS C 55 -9.65 -18.12 -11.64
C LYS C 55 -9.65 -16.74 -10.98
N GLU C 56 -8.72 -16.50 -10.06
CA GLU C 56 -8.70 -15.20 -9.35
C GLU C 56 -8.47 -14.05 -10.37
N HIS C 57 -7.63 -14.28 -11.39
CA HIS C 57 -7.40 -13.21 -12.37
C HIS C 57 -8.66 -13.01 -13.21
N LEU C 58 -9.26 -14.10 -13.61
CA LEU C 58 -10.49 -14.02 -14.33
C LEU C 58 -11.52 -13.23 -13.53
N LEU C 59 -11.73 -13.59 -12.26
CA LEU C 59 -12.75 -12.90 -11.48
C LEU C 59 -12.48 -11.41 -11.42
N GLU C 60 -11.20 -11.04 -11.30
CA GLU C 60 -10.90 -9.60 -11.25
C GLU C 60 -11.26 -8.86 -12.55
N GLU C 61 -10.94 -9.50 -13.70
CA GLU C 61 -11.35 -8.93 -15.00
C GLU C 61 -12.86 -8.89 -15.14
N VAL C 62 -13.56 -9.88 -14.59
CA VAL C 62 -15.03 -9.80 -14.53
C VAL C 62 -15.52 -8.54 -13.77
N ARG C 63 -14.96 -8.28 -12.58
CA ARG C 63 -15.35 -7.09 -11.80
C ARG C 63 -15.19 -5.82 -12.61
N LEU C 64 -14.04 -5.72 -13.28
CA LEU C 64 -13.71 -4.52 -14.00
C LEU C 64 -14.59 -4.35 -15.22
N ASN C 65 -14.87 -5.45 -15.90
CA ASN C 65 -15.69 -5.40 -17.09
C ASN C 65 -17.16 -5.05 -16.74
N VAL C 66 -17.68 -5.65 -15.68
CA VAL C 66 -19.01 -5.28 -15.17
C VAL C 66 -19.07 -3.79 -14.78
N ALA C 67 -18.06 -3.27 -14.07
CA ALA C 67 -18.00 -1.82 -13.72
C ALA C 67 -18.02 -0.97 -14.98
N LYS C 68 -17.22 -1.34 -15.98
CA LYS C 68 -17.23 -0.63 -17.26
C LYS C 68 -18.60 -0.62 -17.96
N ARG C 69 -19.26 -1.76 -17.97
CA ARG C 69 -20.62 -1.84 -18.56
C ARG C 69 -21.65 -1.05 -17.74
N ILE C 70 -21.51 -1.07 -16.41
CA ILE C 70 -22.36 -0.22 -15.56
C ILE C 70 -22.13 1.28 -15.86
N ALA C 71 -20.88 1.72 -15.90
CA ALA C 71 -20.52 3.12 -16.20
C ALA C 71 -21.06 3.57 -17.55
N SER C 72 -20.91 2.72 -18.54
CA SER C 72 -21.40 3.06 -19.85
C SER C 72 -22.96 3.19 -19.86
N ALA C 73 -23.66 2.28 -19.19
CA ALA C 73 -25.10 2.41 -18.99
C ALA C 73 -25.48 3.73 -18.26
N VAL C 74 -24.77 4.06 -17.18
CA VAL C 74 -25.10 5.21 -16.35
C VAL C 74 -24.94 6.53 -17.09
N GLN C 75 -23.96 6.57 -17.96
CA GLN C 75 -23.61 7.77 -18.68
C GLN C 75 -24.16 7.79 -20.11
N ALA C 76 -24.97 6.81 -20.51
CA ALA C 76 -25.55 6.77 -21.87
C ALA C 76 -26.43 7.99 -22.15
N GLY C 77 -26.18 8.65 -23.28
CA GLY C 77 -26.98 9.78 -23.69
C GLY C 77 -26.73 11.03 -22.89
N VAL C 78 -25.60 11.11 -22.19
CA VAL C 78 -25.27 12.29 -21.43
C VAL C 78 -24.31 13.12 -22.26
N ASN C 79 -24.68 14.38 -22.47
CA ASN C 79 -23.88 15.29 -23.28
C ASN C 79 -23.47 16.41 -22.34
N ASP C 80 -22.15 16.66 -22.22
CA ASP C 80 -21.64 17.61 -21.20
C ASP C 80 -22.07 19.04 -21.37
N ASP C 81 -22.52 19.41 -22.56
CA ASP C 81 -23.03 20.74 -22.81
C ASP C 81 -24.47 20.94 -22.39
N MSE C 82 -25.21 19.86 -22.12
CA MSE C 82 -26.58 20.05 -21.69
CA MSE C 82 -26.60 19.87 -21.61
C MSE C 82 -26.65 20.64 -20.28
O MSE C 82 -25.65 20.69 -19.55
CB MSE C 82 -27.35 18.74 -21.87
CB MSE C 82 -27.11 18.40 -21.34
CG MSE C 82 -27.51 18.37 -23.35
CG MSE C 82 -27.44 17.44 -22.57
SE MSE C 82 -28.17 19.84 -24.46
SE MSE C 82 -27.87 15.42 -22.26
CE MSE C 82 -26.51 20.61 -25.11
CE MSE C 82 -29.23 15.48 -20.87
N PRO C 83 -27.80 21.22 -19.93
CA PRO C 83 -27.88 21.78 -18.55
C PRO C 83 -27.67 20.73 -17.44
N LEU C 84 -27.18 21.21 -16.31
CA LEU C 84 -26.83 20.39 -15.17
C LEU C 84 -27.93 19.41 -14.82
N LYS C 85 -29.12 19.95 -14.60
CA LYS C 85 -30.23 19.14 -14.16
C LYS C 85 -30.71 18.15 -15.21
N GLU C 86 -30.55 18.48 -16.50
CA GLU C 86 -30.87 17.52 -17.54
C GLU C 86 -29.93 16.33 -17.52
N ARG C 87 -28.68 16.58 -17.32
CA ARG C 87 -27.70 15.50 -17.21
C ARG C 87 -27.96 14.61 -15.97
N TYR C 88 -28.26 15.28 -14.90
CA TYR C 88 -28.69 14.62 -13.67
C TYR C 88 -29.87 13.71 -13.93
N ARG C 89 -30.95 14.26 -14.49
CA ARG C 89 -32.15 13.45 -14.76
C ARG C 89 -31.80 12.23 -15.61
N THR C 90 -31.03 12.44 -16.68
CA THR C 90 -30.70 11.33 -17.59
C THR C 90 -29.98 10.18 -16.85
N MSE C 91 -28.99 10.54 -16.07
CA MSE C 91 -28.21 9.56 -15.31
C MSE C 91 -29.02 8.84 -14.27
O MSE C 91 -28.90 7.60 -14.13
CB MSE C 91 -27.00 10.19 -14.67
CG MSE C 91 -25.97 10.60 -15.71
SE MSE C 91 -24.36 11.35 -14.85
CE MSE C 91 -23.82 12.83 -15.99
N TRP C 92 -29.89 9.57 -13.63
CA TRP C 92 -30.77 9.03 -12.62
C TRP C 92 -31.69 8.00 -13.23
N LEU C 93 -32.30 8.36 -14.37
CA LEU C 93 -33.19 7.45 -15.08
C LEU C 93 -32.39 6.27 -15.68
N ASN C 94 -31.17 6.49 -16.13
CA ASN C 94 -30.37 5.35 -16.59
C ASN C 94 -30.12 4.36 -15.46
N ILE C 95 -29.86 4.87 -14.26
CA ILE C 95 -29.67 4.00 -13.08
C ILE C 95 -30.96 3.25 -12.78
N TRP C 96 -32.07 3.98 -12.83
CA TRP C 96 -33.35 3.39 -12.57
C TRP C 96 -33.59 2.20 -13.54
N ASN C 97 -33.22 2.34 -14.82
CA ASN C 97 -33.45 1.27 -15.76
C ASN C 97 -32.47 0.14 -15.71
N LEU C 98 -31.32 0.31 -15.06
CA LEU C 98 -30.43 -0.84 -14.84
C LEU C 98 -31.00 -1.86 -13.88
N ALA C 99 -31.88 -1.41 -12.99
CA ALA C 99 -32.44 -2.29 -11.96
C ALA C 99 -33.05 -3.52 -12.59
N GLY C 100 -32.76 -4.67 -12.01
CA GLY C 100 -33.35 -5.90 -12.50
C GLY C 100 -32.66 -6.40 -13.73
N SER C 101 -31.58 -5.74 -14.16
CA SER C 101 -30.78 -6.21 -15.25
C SER C 101 -29.74 -7.22 -14.76
N ASN C 102 -29.21 -7.95 -15.72
CA ASN C 102 -28.22 -8.95 -15.47
C ASN C 102 -26.99 -8.33 -14.87
N LEU C 103 -26.64 -7.11 -15.34
CA LEU C 103 -25.45 -6.42 -14.85
C LEU C 103 -25.56 -6.17 -13.37
N ASN C 104 -26.72 -5.66 -12.98
CA ASN C 104 -26.93 -5.34 -11.57
C ASN C 104 -26.84 -6.59 -10.75
N ALA C 105 -27.42 -7.68 -11.27
CA ALA C 105 -27.37 -8.94 -10.54
C ALA C 105 -25.92 -9.38 -10.32
N ILE C 106 -25.08 -9.25 -11.34
CA ILE C 106 -23.68 -9.69 -11.22
C ILE C 106 -22.94 -8.75 -10.30
N SER C 107 -23.24 -7.47 -10.46
CA SER C 107 -22.62 -6.43 -9.67
C SER C 107 -22.99 -6.53 -8.19
N ASN C 108 -24.29 -6.72 -7.90
CA ASN C 108 -24.77 -6.96 -6.54
C ASN C 108 -24.10 -8.15 -5.89
N ARG C 109 -23.58 -9.04 -6.74
CA ARG C 109 -22.94 -10.27 -6.29
C ARG C 109 -21.50 -10.06 -5.77
N VAL C 110 -20.86 -8.95 -6.15
CA VAL C 110 -19.46 -8.65 -5.75
C VAL C 110 -19.37 -8.40 -4.24
N GLN C 111 -18.67 -9.30 -3.54
CA GLN C 111 -18.46 -9.21 -2.10
C GLN C 111 -17.09 -8.57 -1.81
N TYR C 112 -17.01 -7.24 -1.97
CA TYR C 112 -15.80 -6.45 -1.68
C TYR C 112 -15.24 -6.74 -0.29
N ASP C 113 -16.15 -7.07 0.63
CA ASP C 113 -15.79 -7.42 1.99
C ASP C 113 -14.95 -8.72 2.08
N SER C 114 -14.96 -9.52 1.02
CA SER C 114 -14.17 -10.76 0.95
C SER C 114 -12.89 -10.63 0.12
N LEU C 115 -12.76 -9.57 -0.68
CA LEU C 115 -11.54 -9.32 -1.47
C LEU C 115 -10.36 -8.89 -0.59
N PRO C 116 -9.12 -9.09 -1.08
CA PRO C 116 -7.98 -8.48 -0.40
C PRO C 116 -7.99 -6.94 -0.45
N CYS C 117 -7.19 -6.33 0.42
CA CYS C 117 -7.06 -4.87 0.49
CA CYS C 117 -7.06 -4.86 0.47
C CYS C 117 -6.42 -4.35 -0.81
N THR C 118 -5.37 -5.05 -1.23
CA THR C 118 -4.65 -4.76 -2.47
C THR C 118 -5.60 -4.76 -3.67
N THR C 119 -6.39 -5.82 -3.82
CA THR C 119 -7.39 -5.95 -4.88
C THR C 119 -8.51 -4.94 -4.69
N ARG C 120 -9.12 -4.92 -3.50
CA ARG C 120 -10.16 -3.95 -3.14
C ARG C 120 -9.84 -2.52 -3.59
N ASN C 121 -8.67 -2.01 -3.25
CA ASN C 121 -8.32 -0.62 -3.58
C ASN C 121 -7.96 -0.41 -5.05
N LYS C 122 -7.29 -1.38 -5.65
CA LYS C 122 -7.01 -1.36 -7.10
C LYS C 122 -8.35 -1.25 -7.86
N THR C 123 -9.24 -2.20 -7.58
CA THR C 123 -10.53 -2.30 -8.24
C THR C 123 -11.23 -0.96 -8.11
N TRP C 124 -11.33 -0.43 -6.87
CA TRP C 124 -12.04 0.81 -6.62
C TRP C 124 -11.46 2.00 -7.40
N GLU C 125 -10.15 2.16 -7.38
CA GLU C 125 -9.51 3.25 -8.12
C GLU C 125 -9.73 3.18 -9.63
N LEU C 126 -9.56 2.00 -10.22
CA LEU C 126 -9.84 1.84 -11.65
C LEU C 126 -11.28 2.17 -12.02
N GLU C 127 -12.20 1.75 -11.18
CA GLU C 127 -13.60 1.96 -11.48
C GLU C 127 -13.94 3.47 -11.42
N ARG C 128 -13.37 4.22 -10.48
CA ARG C 128 -13.67 5.65 -10.42
C ARG C 128 -13.40 6.39 -11.73
N LYS C 129 -12.34 6.00 -12.42
CA LYS C 129 -11.97 6.66 -13.66
C LYS C 129 -13.03 6.48 -14.77
N MSE C 130 -13.85 5.47 -14.63
CA MSE C 130 -14.91 5.20 -15.59
C MSE C 130 -16.09 6.13 -15.49
O MSE C 130 -16.89 6.16 -16.39
CB MSE C 130 -15.41 3.77 -15.43
CG MSE C 130 -14.31 2.73 -15.62
SE MSE C 130 -14.91 0.92 -15.03
CE MSE C 130 -13.18 -0.03 -15.13
N PHE C 131 -16.21 6.88 -14.39
CA PHE C 131 -17.36 7.74 -14.15
C PHE C 131 -17.00 9.22 -14.27
N ALA C 132 -16.11 9.55 -15.21
CA ALA C 132 -15.66 10.92 -15.41
C ALA C 132 -16.83 11.90 -15.65
N GLN C 133 -17.87 11.51 -16.40
CA GLN C 133 -18.96 12.42 -16.64
C GLN C 133 -19.71 12.71 -15.36
N VAL C 134 -19.76 11.74 -14.45
CA VAL C 134 -20.38 11.95 -13.15
C VAL C 134 -19.56 12.94 -12.36
N ASP C 135 -18.24 12.78 -12.35
CA ASP C 135 -17.43 13.80 -11.66
C ASP C 135 -17.61 15.23 -12.21
N ARG C 136 -17.70 15.35 -13.53
CA ARG C 136 -17.79 16.65 -14.15
C ARG C 136 -19.11 17.31 -13.81
N LEU C 137 -20.17 16.51 -13.74
CA LEU C 137 -21.47 17.03 -13.27
C LEU C 137 -21.35 17.66 -11.90
N PHE C 138 -20.84 16.91 -10.95
CA PHE C 138 -20.76 17.43 -9.58
C PHE C 138 -19.76 18.57 -9.45
N ASN C 139 -18.62 18.49 -10.12
CA ASN C 139 -17.62 19.59 -10.05
C ASN C 139 -18.17 20.90 -10.67
N GLN C 140 -18.87 20.78 -11.78
CA GLN C 140 -19.41 21.97 -12.41
C GLN C 140 -20.49 22.55 -11.53
N GLY C 141 -21.35 21.71 -10.99
CA GLY C 141 -22.41 22.27 -10.17
C GLY C 141 -21.89 22.92 -8.89
N LYS C 142 -20.84 22.37 -8.31
CA LYS C 142 -20.21 22.99 -7.16
C LYS C 142 -19.59 24.28 -7.57
N GLU C 143 -18.95 24.31 -8.72
CA GLU C 143 -18.25 25.52 -9.17
C GLU C 143 -19.25 26.60 -9.43
N GLU C 144 -20.41 26.24 -9.87
CA GLU C 144 -21.39 27.26 -10.16
C GLU C 144 -22.18 27.64 -8.94
N GLY C 145 -21.89 27.10 -7.77
CA GLY C 145 -22.70 27.45 -6.61
C GLY C 145 -24.05 26.77 -6.53
N VAL C 146 -24.31 25.78 -7.40
CA VAL C 146 -25.57 25.08 -7.36
C VAL C 146 -25.55 23.96 -6.31
N PHE C 147 -24.48 23.16 -6.28
CA PHE C 147 -24.42 22.01 -5.40
C PHE C 147 -23.74 22.32 -4.08
N LYS C 148 -24.17 21.62 -3.03
CA LYS C 148 -23.50 21.73 -1.72
C LYS C 148 -22.01 21.40 -1.93
N PRO C 149 -21.11 22.03 -1.13
CA PRO C 149 -19.66 21.84 -1.37
C PRO C 149 -19.16 20.57 -0.69
N LEU C 150 -19.67 19.41 -1.07
CA LEU C 150 -19.27 18.14 -0.46
C LEU C 150 -18.52 17.35 -1.48
N ASP C 151 -17.74 16.38 -1.00
CA ASP C 151 -17.04 15.50 -1.89
C ASP C 151 -17.96 14.81 -2.89
N ASN C 152 -17.44 14.54 -4.08
CA ASN C 152 -18.23 13.87 -5.14
C ASN C 152 -18.82 12.55 -4.71
N GLU C 153 -18.08 11.80 -3.92
CA GLU C 153 -18.57 10.51 -3.44
C GLU C 153 -19.73 10.70 -2.49
N VAL C 154 -19.72 11.77 -1.70
CA VAL C 154 -20.84 12.07 -0.83
C VAL C 154 -22.06 12.51 -1.63
N LEU C 155 -21.88 13.43 -2.56
CA LEU C 155 -23.00 13.87 -3.42
C LEU C 155 -23.63 12.71 -4.16
N SER C 156 -22.76 11.83 -4.66
CA SER C 156 -23.27 10.68 -5.37
C SER C 156 -24.08 9.76 -4.42
N GLY C 157 -23.48 9.44 -3.26
CA GLY C 157 -24.17 8.70 -2.21
C GLY C 157 -25.51 9.28 -1.78
N LEU C 158 -25.64 10.59 -1.77
CA LEU C 158 -26.89 11.27 -1.43
C LEU C 158 -27.97 11.27 -2.49
N SER C 159 -27.58 11.03 -3.74
CA SER C 159 -28.50 11.24 -4.87
C SER C 159 -28.62 9.97 -5.75
N PHE C 160 -27.64 9.70 -6.63
CA PHE C 160 -27.69 8.51 -7.49
C PHE C 160 -27.94 7.15 -6.76
N GLU C 161 -27.46 6.99 -5.52
CA GLU C 161 -27.93 5.82 -4.65
C GLU C 161 -29.41 5.83 -4.27
N ALA C 162 -30.06 6.96 -4.31
CA ALA C 162 -31.49 6.91 -4.06
C ALA C 162 -32.10 6.23 -5.29
N SER C 163 -31.55 6.53 -6.47
CA SER C 163 -32.05 5.84 -7.60
C SER C 163 -31.82 4.32 -7.36
N VAL C 164 -30.63 3.88 -6.94
CA VAL C 164 -30.29 2.43 -6.92
C VAL C 164 -31.26 1.69 -6.03
N ALA C 165 -31.48 2.29 -4.86
CA ALA C 165 -32.29 1.69 -3.81
C ALA C 165 -33.74 1.61 -4.19
N LEU C 166 -34.31 2.73 -4.60
CA LEU C 166 -35.70 2.72 -5.05
C LEU C 166 -35.83 1.77 -6.23
N ALA C 167 -34.91 1.86 -7.20
CA ALA C 167 -34.99 1.05 -8.42
C ALA C 167 -35.02 -0.44 -8.11
N ARG C 168 -34.14 -0.88 -7.21
CA ARG C 168 -34.12 -2.30 -6.82
C ARG C 168 -35.43 -2.76 -6.18
N LYS C 169 -36.03 -1.94 -5.33
CA LYS C 169 -37.28 -2.36 -4.69
C LYS C 169 -38.33 -2.50 -5.76
N HIS C 170 -38.30 -1.59 -6.72
CA HIS C 170 -39.25 -1.57 -7.79
C HIS C 170 -39.05 -2.71 -8.80
N ALA C 171 -37.82 -3.05 -9.11
CA ALA C 171 -37.55 -4.16 -10.02
C ALA C 171 -37.84 -5.50 -9.36
N LEU C 172 -37.81 -5.52 -8.03
CA LEU C 172 -38.10 -6.75 -7.29
C LEU C 172 -39.60 -6.96 -7.10
N GLY C 173 -40.41 -6.00 -7.53
CA GLY C 173 -41.85 -6.08 -7.32
C GLY C 173 -42.23 -5.64 -5.92
N PHE C 174 -41.27 -5.20 -5.11
CA PHE C 174 -41.57 -4.89 -3.71
C PHE C 174 -42.37 -3.63 -3.52
N TYR C 175 -42.41 -2.75 -4.50
CA TYR C 175 -43.15 -1.52 -4.32
C TYR C 175 -43.41 -0.80 -5.67
N GLN C 176 -44.51 -0.06 -5.75
CA GLN C 176 -45.01 0.48 -7.02
C GLN C 176 -45.00 1.99 -7.07
N LEU C 177 -44.33 2.50 -8.09
CA LEU C 177 -44.14 3.93 -8.30
C LEU C 177 -44.81 4.32 -9.62
N ASP C 178 -45.90 5.10 -9.58
CA ASP C 178 -46.40 5.70 -10.80
C ASP C 178 -45.49 6.88 -11.28
N ASP C 179 -45.83 7.45 -12.42
CA ASP C 179 -44.90 8.34 -13.10
C ASP C 179 -44.75 9.65 -12.37
N ASP C 180 -45.84 10.21 -11.91
CA ASP C 180 -45.75 11.43 -11.10
C ASP C 180 -44.86 11.26 -9.84
N ALA C 181 -44.93 10.08 -9.24
CA ALA C 181 -44.15 9.77 -8.05
C ALA C 181 -42.68 9.67 -8.38
N LEU C 182 -42.38 9.04 -9.51
CA LEU C 182 -41.02 8.93 -9.97
C LEU C 182 -40.44 10.31 -10.23
N GLU C 183 -41.20 11.18 -10.89
CA GLU C 183 -40.77 12.59 -11.10
C GLU C 183 -40.58 13.32 -9.75
N ALA C 184 -41.47 13.10 -8.82
CA ALA C 184 -41.30 13.70 -7.47
C ALA C 184 -40.02 13.21 -6.81
N ALA C 185 -39.67 11.93 -7.06
CA ALA C 185 -38.49 11.33 -6.44
C ALA C 185 -37.23 11.91 -7.01
N ILE C 186 -37.22 12.15 -8.32
CA ILE C 186 -36.09 12.79 -8.96
C ILE C 186 -35.90 14.20 -8.37
N GLU C 187 -36.99 14.92 -8.18
CA GLU C 187 -36.86 16.28 -7.64
C GLU C 187 -36.36 16.25 -6.21
N ALA C 188 -36.84 15.27 -5.44
CA ALA C 188 -36.41 15.16 -4.04
C ALA C 188 -34.93 14.80 -3.90
N SER C 189 -34.44 13.94 -4.78
CA SER C 189 -33.02 13.60 -4.70
C SER C 189 -32.16 14.78 -5.11
N TRP C 190 -32.66 15.62 -6.00
CA TRP C 190 -31.96 16.81 -6.40
C TRP C 190 -31.88 17.76 -5.21
N ASP C 191 -32.96 17.84 -4.43
CA ASP C 191 -32.95 18.64 -3.17
C ASP C 191 -31.81 18.25 -2.21
N ALA C 192 -31.45 16.96 -2.18
CA ALA C 192 -30.34 16.50 -1.34
C ALA C 192 -29.01 17.19 -1.68
N ILE C 193 -28.75 17.34 -2.98
CA ILE C 193 -27.43 17.80 -3.42
C ILE C 193 -27.36 19.31 -3.71
N ILE C 194 -28.49 20.01 -3.84
CA ILE C 194 -28.44 21.46 -4.06
C ILE C 194 -28.44 22.23 -2.76
N LYS C 195 -27.89 23.44 -2.85
CA LYS C 195 -27.92 24.35 -1.69
C LYS C 195 -29.31 24.87 -1.65
N HIS C 196 -29.80 25.20 -0.47
CA HIS C 196 -31.12 25.78 -0.31
C HIS C 196 -31.00 27.09 0.43
S SO4 D . 3.90 -5.03 17.93
O1 SO4 D . 2.49 -4.77 17.66
O2 SO4 D . 4.12 -4.93 19.37
O3 SO4 D . 4.71 -4.07 17.18
O4 SO4 D . 4.23 -6.41 17.55
S SO4 E . -2.16 14.95 17.88
O1 SO4 E . -1.54 14.84 16.56
O2 SO4 E . -3.28 15.87 17.77
O3 SO4 E . -2.58 13.62 18.34
O4 SO4 E . -1.21 15.48 18.85
S SO4 F . 4.14 12.16 -0.18
O1 SO4 F . 5.16 11.73 0.79
O2 SO4 F . 4.12 11.29 -1.35
O3 SO4 F . 2.85 12.10 0.49
O4 SO4 F . 4.40 13.52 -0.65
C1 GOL G . 8.27 11.52 4.47
O1 GOL G . 7.80 11.22 3.18
C2 GOL G . 9.52 10.71 4.80
O2 GOL G . 9.47 9.51 4.09
C3 GOL G . 9.70 10.46 6.30
O3 GOL G . 9.70 9.10 6.68
C1 GOL H . 1.37 12.17 -11.99
O1 GOL H . 0.68 12.00 -10.76
C2 GOL H . 2.15 13.49 -12.01
O2 GOL H . 1.57 14.47 -11.15
C3 GOL H . 2.29 14.06 -13.43
O3 GOL H . 1.11 13.87 -14.19
CL CL I . -7.78 15.14 33.91
S SO4 J . 9.86 -19.09 1.13
O1 SO4 J . 8.86 -20.16 1.24
O2 SO4 J . 9.55 -18.26 -0.03
O3 SO4 J . 9.84 -18.25 2.32
O4 SO4 J . 11.19 -19.70 0.98
S SO4 K . 24.96 -5.46 -0.34
O1 SO4 K . 23.96 -4.44 -0.02
O2 SO4 K . 24.32 -6.77 -0.44
O3 SO4 K . 25.59 -5.12 -1.61
O4 SO4 K . 25.99 -5.53 0.70
S SO4 L . 35.17 2.01 -8.13
O1 SO4 L . 35.37 0.72 -8.77
O2 SO4 L . 34.46 2.91 -8.99
O3 SO4 L . 34.45 1.83 -6.87
O4 SO4 L . 36.48 2.60 -7.77
C1 GOL M . 27.97 -18.79 22.85
O1 GOL M . 27.25 -17.57 22.63
C2 GOL M . 29.21 -18.87 21.95
O2 GOL M . 28.82 -18.67 20.61
C3 GOL M . 29.91 -20.21 22.14
O3 GOL M . 30.93 -20.39 21.16
C1 GOL N . 39.56 1.69 -10.73
O1 GOL N . 40.00 1.45 -9.40
C2 GOL N . 38.19 2.38 -10.69
O2 GOL N . 37.23 1.43 -10.27
C3 GOL N . 37.79 2.99 -12.05
O3 GOL N . 37.43 2.00 -13.01
C1 GOL O . 18.82 -7.05 -0.83
O1 GOL O . 19.80 -6.06 -1.07
C2 GOL O . 17.65 -6.42 -0.08
O2 GOL O . 17.23 -5.25 -0.75
C3 GOL O . 16.49 -7.40 0.06
O3 GOL O . 15.33 -6.77 0.59
CL CL P . -13.10 -4.95 -20.24
S SO4 Q . -18.00 9.57 -8.31
O1 SO4 Q . -18.97 8.54 -8.70
O2 SO4 Q . -18.15 10.76 -9.15
O3 SO4 Q . -18.24 10.00 -6.94
O4 SO4 Q . -16.63 9.05 -8.41
C1 GOL R . -22.84 6.56 -10.03
O1 GOL R . -21.58 6.89 -9.46
C2 GOL R . -23.31 5.19 -9.50
O2 GOL R . -24.41 5.32 -8.62
C3 GOL R . -23.84 4.27 -10.59
O3 GOL R . -24.54 3.19 -9.99
#